data_2IRM
#
_entry.id   2IRM
#
_cell.length_a   121.773
_cell.length_b   73.773
_cell.length_c   74.509
_cell.angle_alpha   90.00
_cell.angle_beta   116.96
_cell.angle_gamma   90.00
#
_symmetry.space_group_name_H-M   'C 1 2 1'
#
_entity_poly.entity_id   1
_entity_poly.type   'polypeptide(L)'
_entity_poly.pdbx_seq_one_letter_code
;RTKSWTDDLKVCNQTGVGEAINQIYKDDGRRCEGYESRDKKCLCISDNNTSLYAILSGHNGVTVAENALQEMAAELLLGQ
LNVCNTDEAVKELIRQSFMSVEKGYFDSINPHVATKTAIQLHLSADGMNQYEISQQFENVLQKLDSLNNALSVGSSAVLA
LIHRSHLYLGNIGNCRALLCKTDEHDTLTVTQLSVDHNLLNAEEAARLFRLGLMAQNFEGVPLYSTRCIGNYLGKAGYKD
CNFLSSATAEPVIFEPEIVGGIQITPACRFLVLMSSGLCRALHEIFPGDASTGNRELVRMISEEFQNQSTLGGVAQSVVH
RIVQAHHDTYMQLVEEHRSVTFNSRDDVTLLIRNFNYA
;
_entity_poly.pdbx_strand_id   A
#
# COMPACT_ATOMS: atom_id res chain seq x y z
N SER A 4 9.87 -2.09 -16.76
CA SER A 4 10.88 -2.92 -17.42
C SER A 4 10.27 -4.20 -17.96
N TRP A 5 9.00 -4.13 -18.35
CA TRP A 5 7.89 -4.49 -17.46
C TRP A 5 8.32 -5.57 -16.47
N THR A 6 8.06 -5.32 -15.19
CA THR A 6 8.53 -6.21 -14.13
C THR A 6 7.97 -7.56 -14.53
N ASP A 7 6.72 -7.57 -14.98
CA ASP A 7 6.00 -8.81 -15.22
C ASP A 7 6.92 -9.89 -15.78
N ASP A 8 7.96 -9.46 -16.48
CA ASP A 8 8.80 -10.37 -17.25
C ASP A 8 10.00 -10.81 -16.42
N LEU A 9 10.60 -9.85 -15.72
CA LEU A 9 11.75 -10.13 -14.86
C LEU A 9 11.63 -11.46 -14.13
N LYS A 10 12.76 -12.16 -13.98
CA LYS A 10 12.76 -13.47 -13.34
C LYS A 10 12.02 -13.47 -12.00
N VAL A 11 11.37 -14.59 -11.67
CA VAL A 11 10.53 -14.68 -10.47
C VAL A 11 11.19 -15.40 -9.30
N CYS A 12 10.91 -14.90 -8.09
CA CYS A 12 11.52 -15.41 -6.87
C CYS A 12 10.83 -16.66 -6.37
N ASN A 13 11.54 -17.79 -6.47
CA ASN A 13 11.06 -19.08 -5.94
C ASN A 13 11.09 -19.16 -4.41
N GLN A 14 11.50 -18.07 -3.76
CA GLN A 14 11.48 -17.99 -2.30
C GLN A 14 10.38 -17.03 -1.80
N THR A 15 9.37 -16.79 -2.64
CA THR A 15 8.29 -15.84 -2.36
C THR A 15 6.93 -16.42 -2.75
N GLY A 16 5.98 -16.35 -1.82
CA GLY A 16 4.61 -16.82 -2.09
C GLY A 16 3.59 -15.69 -2.13
N VAL A 17 2.67 -15.77 -3.09
CA VAL A 17 1.67 -14.72 -3.31
C VAL A 17 0.24 -15.19 -3.01
N GLY A 18 -0.51 -14.34 -2.32
CA GLY A 18 -1.94 -14.49 -2.17
C GLY A 18 -2.62 -13.22 -2.67
N GLU A 19 -3.72 -13.39 -3.39
CA GLU A 19 -4.48 -12.26 -3.91
C GLU A 19 -5.95 -12.56 -3.80
N ALA A 20 -6.70 -11.55 -3.38
CA ALA A 20 -8.15 -11.57 -3.56
C ALA A 20 -8.58 -10.23 -4.17
N ILE A 21 -9.45 -10.33 -5.17
CA ILE A 21 -9.87 -9.21 -5.97
C ILE A 21 -10.88 -8.37 -5.22
N ASN A 22 -10.84 -7.05 -5.45
CA ASN A 22 -11.72 -6.12 -4.74
C ASN A 22 -13.20 -6.49 -4.86
N GLN A 23 -13.97 -6.19 -3.83
CA GLN A 23 -15.39 -6.52 -3.82
C GLN A 23 -16.26 -5.42 -3.27
N ILE A 24 -17.46 -5.30 -3.83
CA ILE A 24 -18.53 -4.52 -3.20
C ILE A 24 -19.54 -5.53 -2.64
N TYR A 25 -19.72 -5.49 -1.33
CA TYR A 25 -20.68 -6.37 -0.64
C TYR A 25 -22.11 -5.88 -0.81
N LYS A 26 -22.99 -6.71 -1.35
CA LYS A 26 -24.41 -6.36 -1.39
C LYS A 26 -25.09 -6.74 -0.09
N ASP A 27 -25.95 -5.84 0.39
CA ASP A 27 -26.81 -6.09 1.54
C ASP A 27 -27.57 -7.40 1.34
N ASP A 28 -28.11 -7.57 0.13
CA ASP A 28 -28.70 -8.81 -0.34
C ASP A 28 -27.95 -10.06 0.18
N GLY A 29 -26.65 -10.14 -0.10
CA GLY A 29 -25.84 -11.32 0.23
C GLY A 29 -24.80 -11.54 -0.86
N ARG A 30 -25.24 -11.34 -2.10
CA ARG A 30 -24.40 -11.38 -3.29
C ARG A 30 -23.22 -10.39 -3.18
N ARG A 31 -22.24 -10.54 -4.07
CA ARG A 31 -21.09 -9.61 -4.09
C ARG A 31 -20.80 -9.13 -5.50
N CYS A 32 -19.94 -8.13 -5.60
CA CYS A 32 -19.50 -7.62 -6.90
C CYS A 32 -17.98 -7.51 -6.96
N GLU A 33 -17.34 -8.60 -7.38
CA GLU A 33 -15.92 -8.61 -7.67
C GLU A 33 -15.64 -7.70 -8.84
N GLY A 34 -14.51 -7.01 -8.80
CA GLY A 34 -14.04 -6.22 -9.92
C GLY A 34 -13.44 -7.07 -11.03
N TYR A 35 -12.81 -6.39 -12.00
CA TYR A 35 -12.13 -7.04 -13.11
C TYR A 35 -10.66 -6.65 -13.04
N GLU A 36 -10.45 -5.34 -13.10
CA GLU A 36 -9.16 -4.71 -12.90
C GLU A 36 -8.73 -4.87 -11.45
N SER A 37 -7.55 -5.45 -11.23
CA SER A 37 -6.90 -5.30 -9.92
C SER A 37 -6.28 -3.92 -9.90
N ARG A 38 -6.35 -3.27 -8.75
CA ARG A 38 -5.70 -1.98 -8.56
C ARG A 38 -4.34 -2.15 -7.87
N ASP A 39 -4.08 -3.35 -7.35
CA ASP A 39 -2.79 -3.68 -6.75
C ASP A 39 -1.77 -4.14 -7.81
N LYS A 40 -0.58 -3.54 -7.78
CA LYS A 40 0.51 -3.96 -8.66
C LYS A 40 1.69 -4.49 -7.85
N LYS A 41 2.16 -5.67 -8.23
CA LYS A 41 3.17 -6.39 -7.47
C LYS A 41 4.44 -6.62 -8.29
N CYS A 42 5.55 -6.78 -7.59
CA CYS A 42 6.78 -7.26 -8.18
C CYS A 42 7.51 -8.15 -7.18
N LEU A 43 8.12 -9.20 -7.69
CA LEU A 43 8.98 -10.09 -6.91
C LEU A 43 10.14 -10.47 -7.82
N CYS A 44 10.98 -9.48 -8.06
CA CYS A 44 11.89 -9.42 -9.19
C CYS A 44 13.31 -9.76 -8.75
N ILE A 45 14.00 -10.61 -9.50
CA ILE A 45 15.45 -10.81 -9.30
C ILE A 45 16.19 -10.11 -10.41
N SER A 46 16.92 -9.06 -10.08
CA SER A 46 17.67 -8.32 -11.08
C SER A 46 19.02 -8.99 -11.33
N ASP A 47 19.53 -9.65 -10.28
CA ASP A 47 20.87 -10.23 -10.27
C ASP A 47 21.03 -11.10 -9.02
N ASN A 48 22.04 -11.96 -9.00
CA ASN A 48 22.45 -12.74 -7.82
C ASN A 48 22.27 -12.04 -6.46
N ASN A 49 22.72 -10.79 -6.37
CA ASN A 49 22.62 -10.00 -5.14
C ASN A 49 21.29 -9.28 -5.04
N THR A 50 20.94 -8.57 -6.11
CA THR A 50 19.81 -7.65 -6.07
C THR A 50 18.49 -8.28 -6.43
N SER A 51 17.48 -8.02 -5.59
CA SER A 51 16.10 -8.43 -5.86
C SER A 51 15.12 -7.42 -5.22
N LEU A 52 13.93 -7.30 -5.81
CA LEU A 52 12.95 -6.32 -5.37
C LEU A 52 11.62 -6.99 -5.06
N TYR A 53 11.05 -6.63 -3.92
CA TYR A 53 9.69 -7.03 -3.57
C TYR A 53 8.90 -5.76 -3.25
N ALA A 54 7.80 -5.58 -3.97
CA ALA A 54 7.03 -4.34 -3.90
C ALA A 54 5.56 -4.59 -4.15
N ILE A 55 4.71 -3.88 -3.41
CA ILE A 55 3.29 -3.78 -3.74
C ILE A 55 2.94 -2.32 -3.84
N LEU A 56 2.25 -1.98 -4.92
CA LEU A 56 1.78 -0.63 -5.12
C LEU A 56 0.27 -0.68 -5.23
N SER A 57 -0.39 -0.03 -4.27
CA SER A 57 -1.83 -0.06 -4.21
C SER A 57 -2.39 1.18 -4.84
N GLY A 58 -3.03 1.02 -5.98
CA GLY A 58 -3.62 2.14 -6.69
C GLY A 58 -4.89 2.60 -6.00
N HIS A 59 -5.04 3.93 -5.88
CA HIS A 59 -6.25 4.53 -5.33
C HIS A 59 -7.10 5.25 -6.38
N ASN A 60 -8.36 4.86 -6.48
CA ASN A 60 -9.30 5.40 -7.49
C ASN A 60 -8.83 5.16 -8.93
N GLY A 61 -7.73 4.45 -9.08
CA GLY A 61 -7.18 4.17 -10.39
C GLY A 61 -5.93 3.34 -10.33
N VAL A 62 -5.63 2.70 -11.45
CA VAL A 62 -4.47 1.82 -11.57
C VAL A 62 -3.30 2.51 -12.26
N THR A 63 -3.61 3.55 -13.04
CA THR A 63 -2.61 4.28 -13.81
C THR A 63 -1.34 4.61 -12.99
N VAL A 64 -1.51 5.27 -11.86
CA VAL A 64 -0.34 5.72 -11.08
C VAL A 64 0.50 4.56 -10.51
N ALA A 65 -0.15 3.52 -9.99
CA ALA A 65 0.54 2.38 -9.43
C ALA A 65 1.34 1.64 -10.49
N GLU A 66 0.70 1.39 -11.64
CA GLU A 66 1.40 0.83 -12.82
C GLU A 66 2.66 1.63 -13.11
N ASN A 67 2.50 2.91 -13.47
CA ASN A 67 3.61 3.79 -13.82
C ASN A 67 4.70 3.87 -12.78
N ALA A 68 4.32 3.87 -11.50
CA ALA A 68 5.27 3.96 -10.40
C ALA A 68 6.14 2.72 -10.26
N LEU A 69 5.56 1.53 -10.40
CA LEU A 69 6.34 0.30 -10.27
C LEU A 69 7.36 0.19 -11.42
N GLN A 70 6.89 0.42 -12.64
CA GLN A 70 7.74 0.33 -13.85
C GLN A 70 8.94 1.25 -13.72
N GLU A 71 8.70 2.45 -13.18
CA GLU A 71 9.70 3.48 -13.09
C GLU A 71 10.72 3.19 -12.00
N MET A 72 10.27 2.68 -10.85
CA MET A 72 11.18 2.39 -9.73
C MET A 72 12.05 1.18 -10.02
N ALA A 73 11.47 0.20 -10.70
CA ALA A 73 12.25 -0.94 -11.15
C ALA A 73 13.35 -0.46 -12.10
N ALA A 74 12.99 0.47 -12.98
CA ALA A 74 13.89 1.03 -13.96
C ALA A 74 14.95 1.91 -13.34
N GLU A 75 14.63 2.57 -12.23
CA GLU A 75 15.58 3.48 -11.58
C GLU A 75 16.52 2.77 -10.62
N LEU A 76 16.17 1.55 -10.22
CA LEU A 76 17.05 0.77 -9.36
C LEU A 76 16.95 -0.74 -9.54
N LEU A 77 17.28 -1.22 -10.74
CA LEU A 77 17.36 -2.66 -10.99
C LEU A 77 18.38 -3.00 -12.06
N LEU A 78 18.66 -2.07 -12.98
CA LEU A 78 19.44 -2.39 -14.17
C LEU A 78 20.54 -1.36 -14.48
N GLY A 79 21.70 -1.54 -13.86
CA GLY A 79 21.74 -1.92 -12.46
C GLY A 79 22.54 -0.85 -11.75
N GLN A 80 21.82 0.10 -11.18
CA GLN A 80 22.42 1.33 -10.65
C GLN A 80 22.92 1.16 -9.21
N LEU A 81 22.96 -0.09 -8.74
CA LEU A 81 23.24 -0.42 -7.35
C LEU A 81 24.71 -0.78 -7.03
N ASN A 82 25.44 -1.26 -8.03
CA ASN A 82 26.84 -1.61 -7.82
C ASN A 82 27.78 -0.40 -7.80
N VAL A 83 27.23 0.78 -8.11
CA VAL A 83 27.97 2.04 -8.07
C VAL A 83 27.95 2.71 -6.69
N CYS A 84 27.09 2.18 -5.80
CA CYS A 84 26.97 2.72 -4.45
C CYS A 84 27.21 1.68 -3.35
N ASN A 85 28.16 2.00 -2.48
CA ASN A 85 28.59 1.12 -1.38
C ASN A 85 27.73 1.31 -0.15
N THR A 86 27.91 2.45 0.52
CA THR A 86 27.23 2.75 1.78
C THR A 86 25.73 2.57 1.73
N ASP A 87 25.18 2.09 2.85
CA ASP A 87 23.74 1.99 3.05
C ASP A 87 23.05 3.33 2.80
N GLU A 88 23.69 4.42 3.23
CA GLU A 88 23.20 5.79 3.02
C GLU A 88 23.01 6.11 1.54
N ALA A 89 23.95 5.67 0.72
CA ALA A 89 23.87 5.89 -0.72
C ALA A 89 22.74 5.08 -1.36
N VAL A 90 22.58 3.83 -0.93
CA VAL A 90 21.48 2.98 -1.40
C VAL A 90 20.11 3.54 -0.99
N LYS A 91 20.03 4.05 0.24
CA LYS A 91 18.83 4.74 0.72
C LYS A 91 18.54 5.95 -0.17
N GLU A 92 19.56 6.78 -0.40
CA GLU A 92 19.44 7.95 -1.28
C GLU A 92 18.97 7.53 -2.68
N LEU A 93 19.41 6.36 -3.13
CA LEU A 93 19.02 5.82 -4.41
C LEU A 93 17.52 5.61 -4.46
N ILE A 94 16.97 4.91 -3.46
CA ILE A 94 15.53 4.69 -3.39
C ILE A 94 14.73 5.97 -3.12
N ARG A 95 15.28 6.88 -2.32
CA ARG A 95 14.67 8.19 -2.03
C ARG A 95 14.48 8.98 -3.31
N GLN A 96 15.52 8.99 -4.15
CA GLN A 96 15.48 9.62 -5.44
C GLN A 96 14.45 8.97 -6.37
N SER A 97 14.29 7.66 -6.25
CA SER A 97 13.42 6.91 -7.13
C SER A 97 11.96 7.30 -6.92
N PHE A 98 11.60 7.57 -5.67
CA PHE A 98 10.28 8.09 -5.30
C PHE A 98 10.11 9.50 -5.82
N MET A 99 11.15 10.29 -5.63
CA MET A 99 11.12 11.70 -5.96
C MET A 99 10.76 11.90 -7.40
N SER A 100 11.31 11.04 -8.27
CA SER A 100 11.16 11.21 -9.71
C SER A 100 9.97 10.43 -10.24
N VAL A 101 9.35 9.63 -9.38
CA VAL A 101 8.08 8.98 -9.70
C VAL A 101 6.97 10.00 -9.51
N GLU A 102 7.17 10.85 -8.51
CA GLU A 102 6.29 11.97 -8.19
C GLU A 102 6.49 13.12 -9.19
N LYS A 103 7.74 13.41 -9.52
CA LYS A 103 8.04 14.40 -10.55
C LYS A 103 7.32 14.03 -11.85
N GLY A 104 7.29 12.73 -12.13
CA GLY A 104 6.71 12.20 -13.36
C GLY A 104 5.20 12.32 -13.33
N TYR A 105 4.62 12.13 -12.15
CA TYR A 105 3.20 12.32 -11.98
C TYR A 105 2.81 13.75 -12.33
N PHE A 106 3.49 14.73 -11.73
CA PHE A 106 3.12 16.13 -11.86
C PHE A 106 3.42 16.72 -13.24
N ASP A 107 4.32 16.08 -13.98
CA ASP A 107 4.53 16.43 -15.38
C ASP A 107 3.40 15.86 -16.22
N SER A 108 2.88 14.71 -15.80
CA SER A 108 1.80 14.03 -16.52
C SER A 108 0.46 14.76 -16.41
N ILE A 109 0.00 15.01 -15.18
CA ILE A 109 -1.27 15.69 -14.92
C ILE A 109 -1.24 17.19 -15.23
N ASN A 110 -0.05 17.73 -15.42
CA ASN A 110 0.14 19.16 -15.67
C ASN A 110 -0.98 19.80 -16.53
N PRO A 111 -1.20 19.31 -17.77
CA PRO A 111 -2.33 19.87 -18.55
C PRO A 111 -3.72 19.60 -17.96
N HIS A 112 -3.92 18.44 -17.36
CA HIS A 112 -5.21 18.09 -16.79
C HIS A 112 -5.72 19.16 -15.82
N VAL A 113 -4.85 19.62 -14.93
CA VAL A 113 -5.23 20.69 -14.00
C VAL A 113 -5.55 21.98 -14.75
N ALA A 114 -4.75 22.27 -15.78
CA ALA A 114 -4.90 23.47 -16.59
C ALA A 114 -6.18 23.41 -17.40
N THR A 115 -6.70 22.20 -17.59
CA THR A 115 -7.99 21.99 -18.24
C THR A 115 -9.12 22.18 -17.22
N LYS A 116 -8.95 21.62 -16.02
CA LYS A 116 -9.94 21.82 -14.96
C LYS A 116 -10.11 23.32 -14.69
N THR A 117 -9.01 23.97 -14.30
CA THR A 117 -9.04 25.40 -14.02
C THR A 117 -9.57 26.23 -15.19
N ALA A 118 -9.30 25.77 -16.41
CA ALA A 118 -9.79 26.44 -17.61
C ALA A 118 -11.33 26.49 -17.63
N ILE A 119 -11.96 25.36 -17.36
CA ILE A 119 -13.43 25.28 -17.39
C ILE A 119 -14.06 25.87 -16.13
N GLN A 120 -13.32 25.80 -15.02
CA GLN A 120 -13.77 26.34 -13.74
C GLN A 120 -13.71 27.86 -13.76
N LEU A 121 -12.80 28.39 -14.59
CA LEU A 121 -12.65 29.81 -14.77
C LEU A 121 -13.87 30.34 -15.50
N HIS A 122 -14.36 29.58 -16.49
CA HIS A 122 -15.59 29.94 -17.20
C HIS A 122 -16.83 29.51 -16.43
N LEU A 123 -16.87 29.93 -15.17
CA LEU A 123 -17.96 29.63 -14.26
C LEU A 123 -18.12 30.74 -13.20
N SER A 124 -17.00 31.41 -12.88
CA SER A 124 -16.98 32.53 -11.93
C SER A 124 -16.64 33.80 -12.69
N VAL A 140 -22.11 22.94 -22.77
CA VAL A 140 -23.37 22.50 -22.22
C VAL A 140 -23.30 21.13 -21.50
N LEU A 141 -22.14 20.48 -21.57
CA LEU A 141 -21.97 19.14 -20.98
C LEU A 141 -21.76 19.18 -19.47
N GLN A 142 -20.76 19.94 -19.01
CA GLN A 142 -20.55 20.28 -17.57
C GLN A 142 -20.15 19.10 -16.68
N LYS A 143 -20.81 17.96 -16.88
CA LYS A 143 -20.60 16.72 -16.12
C LYS A 143 -19.16 16.21 -16.19
N LEU A 144 -18.53 16.39 -17.35
CA LEU A 144 -17.16 15.93 -17.58
C LEU A 144 -16.17 16.60 -16.62
N ASP A 145 -16.66 17.61 -15.90
CA ASP A 145 -15.90 18.24 -14.83
C ASP A 145 -15.65 17.30 -13.64
N SER A 146 -16.65 16.45 -13.36
CA SER A 146 -16.52 15.38 -12.37
C SER A 146 -15.51 14.37 -12.89
N LEU A 147 -15.70 13.94 -14.15
CA LEU A 147 -14.74 13.06 -14.83
C LEU A 147 -13.35 13.64 -14.79
N ASN A 148 -13.27 14.96 -14.99
CA ASN A 148 -12.00 15.68 -14.96
C ASN A 148 -11.30 15.57 -13.62
N ASN A 149 -12.05 15.41 -12.53
CA ASN A 149 -11.44 15.12 -11.23
C ASN A 149 -11.05 13.63 -11.11
N ALA A 150 -10.50 13.13 -12.22
CA ALA A 150 -9.79 11.86 -12.27
C ALA A 150 -8.38 12.06 -11.72
N LEU A 151 -7.95 13.32 -11.60
CA LEU A 151 -6.68 13.64 -10.96
C LEU A 151 -6.73 13.41 -9.44
N SER A 152 -7.67 12.56 -9.02
CA SER A 152 -7.71 12.08 -7.65
C SER A 152 -6.99 10.74 -7.59
N VAL A 153 -6.52 10.26 -8.74
CA VAL A 153 -5.84 8.98 -8.83
C VAL A 153 -4.42 9.10 -8.28
N GLY A 154 -4.06 8.18 -7.40
CA GLY A 154 -2.70 8.08 -6.88
C GLY A 154 -2.42 6.66 -6.41
N SER A 155 -1.33 6.48 -5.65
CA SER A 155 -0.96 5.15 -5.19
C SER A 155 -0.14 5.09 -3.91
N SER A 156 -0.54 4.20 -3.01
CA SER A 156 0.32 3.81 -1.90
C SER A 156 1.38 2.87 -2.47
N ALA A 157 2.46 2.68 -1.73
CA ALA A 157 3.58 1.85 -2.18
C ALA A 157 4.35 1.25 -1.01
N VAL A 158 4.77 0.00 -1.14
CA VAL A 158 5.75 -0.57 -0.20
C VAL A 158 6.77 -1.38 -0.97
N LEU A 159 8.03 -0.98 -0.91
CA LEU A 159 9.04 -1.75 -1.62
C LEU A 159 10.27 -2.12 -0.80
N ALA A 160 10.40 -3.41 -0.57
CA ALA A 160 11.57 -4.00 0.06
C ALA A 160 12.58 -4.36 -1.01
N LEU A 161 13.83 -3.94 -0.79
CA LEU A 161 14.91 -4.16 -1.73
C LEU A 161 16.07 -4.90 -1.06
N ILE A 162 16.18 -6.19 -1.31
CA ILE A 162 17.27 -6.98 -0.74
C ILE A 162 18.53 -6.92 -1.61
N HIS A 163 19.48 -6.10 -1.17
CA HIS A 163 20.74 -5.95 -1.85
C HIS A 163 21.86 -6.58 -1.05
N ARG A 164 22.26 -7.78 -1.47
CA ARG A 164 23.40 -8.51 -0.90
C ARG A 164 23.43 -8.58 0.63
N SER A 165 22.60 -9.47 1.18
CA SER A 165 22.49 -9.70 2.62
C SER A 165 22.02 -8.47 3.42
N HIS A 166 21.45 -7.50 2.72
CA HIS A 166 20.96 -6.27 3.34
C HIS A 166 19.56 -5.94 2.84
N LEU A 167 18.66 -5.65 3.77
CA LEU A 167 17.29 -5.31 3.43
C LEU A 167 17.06 -3.82 3.58
N TYR A 168 16.52 -3.22 2.53
CA TYR A 168 16.19 -1.80 2.52
C TYR A 168 14.72 -1.70 2.27
N LEU A 169 14.07 -0.71 2.87
CA LEU A 169 12.64 -0.62 2.80
C LEU A 169 12.17 0.81 2.61
N GLY A 170 11.45 1.05 1.53
CA GLY A 170 10.91 2.38 1.26
C GLY A 170 9.41 2.24 1.12
N ASN A 171 8.65 3.00 1.91
CA ASN A 171 7.20 2.98 1.81
C ASN A 171 6.57 4.36 1.88
N ILE A 172 5.38 4.46 1.29
CA ILE A 172 4.53 5.64 1.41
C ILE A 172 3.06 5.18 1.41
N GLY A 173 2.26 5.78 2.27
CA GLY A 173 0.82 5.49 2.30
C GLY A 173 0.44 4.25 3.08
N ASN A 174 -0.53 3.51 2.54
CA ASN A 174 -1.21 2.45 3.28
C ASN A 174 -0.51 1.10 3.38
N CYS A 175 0.18 0.71 2.31
CA CYS A 175 0.91 -0.57 2.29
C CYS A 175 1.85 -0.75 3.49
N ARG A 176 2.14 -2.00 3.84
CA ARG A 176 2.90 -2.28 5.06
C ARG A 176 3.91 -3.41 4.94
N ALA A 177 4.98 -3.31 5.72
CA ALA A 177 6.06 -4.30 5.76
C ALA A 177 6.34 -4.82 7.17
N LEU A 178 6.32 -6.15 7.31
CA LEU A 178 6.60 -6.81 8.58
C LEU A 178 7.79 -7.76 8.48
N LEU A 179 8.68 -7.69 9.47
CA LEU A 179 9.75 -8.68 9.61
C LEU A 179 9.45 -9.61 10.77
N CYS A 180 9.58 -10.90 10.52
CA CYS A 180 9.38 -11.87 11.56
C CYS A 180 10.73 -12.40 12.00
N LYS A 181 11.08 -12.08 13.23
CA LYS A 181 12.29 -12.58 13.84
C LYS A 181 11.96 -13.63 14.89
N THR A 182 12.85 -14.61 15.05
CA THR A 182 12.83 -15.47 16.23
C THR A 182 14.02 -15.18 17.13
N ASP A 183 13.76 -15.05 18.42
CA ASP A 183 14.76 -14.56 19.37
C ASP A 183 15.14 -15.65 20.37
N GLU A 184 15.45 -15.23 21.59
CA GLU A 184 16.34 -16.00 22.46
C GLU A 184 15.63 -17.20 23.06
N HIS A 185 14.34 -17.05 23.35
CA HIS A 185 13.48 -18.17 23.64
C HIS A 185 12.31 -18.24 22.67
N ASP A 186 12.55 -17.85 21.42
CA ASP A 186 11.50 -17.81 20.41
C ASP A 186 10.42 -16.86 20.92
N THR A 187 9.18 -17.12 20.52
CA THR A 187 8.90 -17.76 19.24
C THR A 187 8.98 -16.90 17.97
N LEU A 188 8.08 -15.93 17.86
CA LEU A 188 7.95 -15.15 16.65
C LEU A 188 7.67 -13.71 17.07
N THR A 189 8.66 -12.85 16.86
CA THR A 189 8.53 -11.43 17.13
C THR A 189 8.26 -10.65 15.84
N VAL A 190 7.04 -10.15 15.71
CA VAL A 190 6.62 -9.29 14.61
C VAL A 190 7.21 -7.91 14.84
N THR A 191 7.81 -7.34 13.80
CA THR A 191 8.36 -5.99 13.91
C THR A 191 8.18 -5.20 12.61
N GLN A 192 7.24 -4.25 12.64
CA GLN A 192 6.90 -3.43 11.47
C GLN A 192 8.03 -2.46 11.06
N LEU A 193 8.54 -2.63 9.85
CA LEU A 193 9.56 -1.71 9.31
C LEU A 193 8.89 -0.52 8.60
N SER A 194 7.69 -0.77 8.10
CA SER A 194 6.86 0.24 7.44
C SER A 194 6.37 1.29 8.44
N VAL A 195 5.95 2.44 7.92
CA VAL A 195 5.27 3.45 8.71
C VAL A 195 3.96 3.77 8.01
N ASP A 196 2.86 3.49 8.70
CA ASP A 196 1.52 3.73 8.19
C ASP A 196 1.28 5.21 8.01
N HIS A 197 1.02 5.61 6.77
CA HIS A 197 0.70 7.01 6.50
C HIS A 197 -0.80 7.17 6.32
N ASN A 198 -1.52 6.99 7.43
CA ASN A 198 -2.97 7.14 7.51
C ASN A 198 -3.43 7.40 8.95
N LEU A 199 -4.73 7.40 9.17
CA LEU A 199 -5.22 7.77 10.50
C LEU A 199 -5.00 6.71 11.58
N LEU A 200 -4.53 5.52 11.19
CA LEU A 200 -4.10 4.53 12.18
C LEU A 200 -2.86 5.00 12.92
N ASN A 201 -2.18 5.99 12.37
CA ASN A 201 -0.94 6.51 12.94
C ASN A 201 -1.12 7.89 13.57
N ALA A 202 -1.13 7.93 14.90
CA ALA A 202 -1.42 9.15 15.66
C ALA A 202 -0.66 10.37 15.16
N GLU A 203 0.61 10.18 14.82
CA GLU A 203 1.44 11.26 14.28
C GLU A 203 0.76 11.86 13.06
N GLU A 204 0.25 10.99 12.18
CA GLU A 204 -0.51 11.48 11.04
C GLU A 204 -1.81 12.15 11.48
N ALA A 205 -2.52 11.56 12.45
CA ALA A 205 -3.72 12.23 12.98
C ALA A 205 -3.37 13.63 13.46
N ALA A 206 -2.30 13.74 14.26
CA ALA A 206 -1.86 15.01 14.80
C ALA A 206 -1.41 16.00 13.73
N ARG A 207 -0.89 15.48 12.61
CA ARG A 207 -0.49 16.35 11.49
C ARG A 207 -1.72 17.05 10.93
N LEU A 208 -2.81 16.28 10.84
CA LEU A 208 -4.04 16.74 10.24
C LEU A 208 -4.76 17.70 11.18
N PHE A 209 -4.96 17.26 12.41
CA PHE A 209 -5.31 18.14 13.52
C PHE A 209 -4.69 19.52 13.32
N ARG A 210 -3.40 19.56 12.99
CA ARG A 210 -2.69 20.82 12.91
C ARG A 210 -2.97 21.59 11.63
N LEU A 211 -3.58 20.91 10.67
CA LEU A 211 -3.96 21.55 9.40
C LEU A 211 -5.37 22.10 9.47
N GLY A 212 -6.06 21.73 10.55
CA GLY A 212 -7.39 22.25 10.79
C GLY A 212 -8.41 21.20 10.49
N LEU A 213 -7.93 19.97 10.28
CA LEU A 213 -8.83 18.83 10.04
C LEU A 213 -9.22 18.10 11.31
N MET A 214 -10.40 17.48 11.30
CA MET A 214 -10.89 16.65 12.40
C MET A 214 -11.35 15.31 11.88
N ALA A 215 -11.54 14.33 12.77
CA ALA A 215 -11.87 12.97 12.34
C ALA A 215 -13.15 12.90 11.53
N GLN A 216 -14.11 13.75 11.90
CA GLN A 216 -15.40 13.78 11.26
C GLN A 216 -15.33 14.09 9.76
N ASN A 217 -14.25 14.74 9.34
CA ASN A 217 -14.00 14.99 7.92
C ASN A 217 -13.74 13.70 7.14
N PHE A 218 -13.42 12.62 7.85
CA PHE A 218 -13.08 11.35 7.20
C PHE A 218 -14.12 10.22 7.38
N GLU A 219 -15.33 10.57 7.82
CA GLU A 219 -16.43 9.59 7.86
C GLU A 219 -16.74 9.15 6.45
N GLY A 220 -17.08 7.88 6.29
CA GLY A 220 -17.50 7.39 4.97
C GLY A 220 -16.36 7.17 3.99
N VAL A 221 -15.23 7.83 4.21
CA VAL A 221 -14.03 7.57 3.40
C VAL A 221 -13.16 6.46 4.03
N PRO A 222 -13.13 5.29 3.36
CA PRO A 222 -12.55 4.03 3.87
C PRO A 222 -11.29 4.18 4.73
N LEU A 223 -10.12 4.30 4.10
CA LEU A 223 -8.85 4.27 4.82
C LEU A 223 -7.87 5.27 4.23
N TYR A 224 -8.26 6.53 4.20
CA TYR A 224 -7.54 7.54 3.42
C TYR A 224 -6.07 7.60 3.79
N SER A 225 -5.21 7.35 2.81
CA SER A 225 -3.80 7.47 3.04
C SER A 225 -3.50 8.95 3.03
N THR A 226 -2.69 9.38 3.97
CA THR A 226 -2.41 10.78 4.20
C THR A 226 -1.08 11.15 3.56
N ARG A 227 -0.47 10.16 2.91
CA ARG A 227 0.70 10.34 2.06
C ARG A 227 0.55 9.32 0.95
N CYS A 228 1.08 9.63 -0.22
CA CYS A 228 1.01 8.73 -1.39
C CYS A 228 1.65 9.36 -2.62
N ILE A 229 1.73 8.57 -3.68
CA ILE A 229 2.25 9.07 -4.93
C ILE A 229 1.09 9.70 -5.68
N GLY A 230 1.31 10.90 -6.22
CA GLY A 230 0.28 11.55 -7.01
C GLY A 230 -0.90 12.02 -6.18
N ASN A 231 -2.11 11.80 -6.71
CA ASN A 231 -3.33 12.34 -6.11
C ASN A 231 -3.25 13.85 -6.00
N TYR A 232 -3.26 14.55 -7.14
CA TYR A 232 -3.20 16.01 -7.12
C TYR A 232 -4.31 16.60 -6.25
N LEU A 233 -5.45 15.92 -6.26
CA LEU A 233 -6.65 16.41 -5.60
C LEU A 233 -6.49 16.58 -4.10
N GLY A 234 -5.60 15.81 -3.49
CA GLY A 234 -5.33 15.91 -2.05
C GLY A 234 -4.07 16.71 -1.73
N LYS A 235 -3.38 17.13 -2.78
CA LYS A 235 -2.21 17.99 -2.68
C LYS A 235 -2.35 19.49 -2.91
N ALA A 236 -2.39 19.86 -4.18
CA ALA A 236 -2.38 21.25 -4.61
C ALA A 236 -3.64 21.54 -5.40
N GLY A 237 -4.62 22.13 -4.73
CA GLY A 237 -6.04 21.97 -5.07
C GLY A 237 -6.75 20.88 -4.28
N TYR A 238 -6.43 20.80 -2.99
CA TYR A 238 -7.22 20.05 -2.02
C TYR A 238 -8.55 20.76 -1.76
N LYS A 239 -8.60 22.03 -2.14
CA LYS A 239 -9.80 22.86 -2.01
C LYS A 239 -11.00 22.32 -2.80
N ASP A 240 -10.75 21.71 -3.95
CA ASP A 240 -11.83 21.10 -4.75
C ASP A 240 -12.24 19.70 -4.30
N CYS A 241 -11.64 19.23 -3.21
CA CYS A 241 -12.36 18.44 -2.22
C CYS A 241 -13.32 19.45 -1.61
N ASN A 242 -14.61 19.11 -1.65
CA ASN A 242 -15.37 18.85 -0.43
C ASN A 242 -14.63 17.87 0.48
N PHE A 243 -14.42 18.26 1.73
CA PHE A 243 -14.09 17.32 2.78
C PHE A 243 -12.58 17.06 2.87
N LEU A 244 -11.82 17.78 2.04
CA LEU A 244 -10.42 18.05 2.34
C LEU A 244 -10.35 19.57 2.43
N SER A 245 -11.48 20.23 2.23
CA SER A 245 -11.50 21.67 1.90
C SER A 245 -11.38 22.64 3.09
N SER A 246 -11.69 22.17 4.30
CA SER A 246 -11.52 23.00 5.49
C SER A 246 -10.05 23.22 5.87
N ALA A 247 -9.17 22.35 5.40
CA ALA A 247 -7.75 22.37 5.76
C ALA A 247 -7.05 23.70 5.42
N THR A 248 -6.04 24.06 6.21
CA THR A 248 -5.34 25.33 6.02
C THR A 248 -3.97 25.16 5.33
N ALA A 249 -3.76 23.98 4.76
CA ALA A 249 -2.54 23.66 4.01
C ALA A 249 -2.80 22.30 3.37
N GLU A 250 -1.92 21.88 2.47
CA GLU A 250 -2.13 20.62 1.80
C GLU A 250 -2.06 19.48 2.79
N PRO A 251 -3.15 18.70 2.91
CA PRO A 251 -3.29 17.52 3.77
C PRO A 251 -2.38 16.35 3.38
N VAL A 252 -2.41 15.96 2.11
CA VAL A 252 -1.61 14.83 1.64
C VAL A 252 -0.23 15.32 1.21
N ILE A 253 0.78 14.97 1.99
CA ILE A 253 2.14 15.38 1.66
C ILE A 253 2.87 14.22 0.99
N PHE A 254 3.95 14.51 0.26
CA PHE A 254 4.75 13.46 -0.33
C PHE A 254 6.05 13.38 0.43
N GLU A 255 6.11 12.47 1.39
CA GLU A 255 7.31 12.28 2.18
C GLU A 255 7.42 10.83 2.65
N PRO A 256 7.94 9.95 1.77
CA PRO A 256 8.05 8.52 2.02
C PRO A 256 9.03 8.22 3.11
N GLU A 257 9.00 7.01 3.65
CA GLU A 257 9.88 6.61 4.74
C GLU A 257 10.85 5.54 4.25
N ILE A 258 12.13 5.73 4.57
CA ILE A 258 13.18 4.82 4.11
C ILE A 258 14.06 4.30 5.23
N VAL A 259 14.02 2.99 5.42
CA VAL A 259 14.82 2.33 6.45
C VAL A 259 15.94 1.51 5.78
N GLY A 260 17.15 1.62 6.30
CA GLY A 260 18.32 1.27 5.53
C GLY A 260 19.35 0.33 6.11
N GLY A 261 19.51 -0.82 5.48
CA GLY A 261 20.58 -1.74 5.80
C GLY A 261 20.30 -2.65 6.97
N ILE A 262 19.07 -3.16 7.04
CA ILE A 262 18.74 -4.22 7.98
C ILE A 262 19.41 -5.49 7.51
N GLN A 263 20.44 -5.89 8.24
CA GLN A 263 21.24 -7.04 7.84
C GLN A 263 20.44 -8.31 8.11
N ILE A 264 19.86 -8.86 7.04
CA ILE A 264 19.14 -10.13 7.13
C ILE A 264 20.06 -11.23 7.66
N THR A 265 19.76 -11.68 8.89
CA THR A 265 20.56 -12.64 9.64
C THR A 265 19.85 -13.99 9.70
N PRO A 266 20.56 -15.06 10.15
CA PRO A 266 19.92 -16.36 10.36
C PRO A 266 18.66 -16.30 11.22
N ALA A 267 18.64 -15.35 12.17
CA ALA A 267 17.49 -15.12 13.04
C ALA A 267 16.25 -14.59 12.31
N CYS A 268 16.46 -13.82 11.25
CA CYS A 268 15.35 -13.32 10.43
C CYS A 268 14.68 -14.46 9.67
N ARG A 269 13.38 -14.62 9.88
CA ARG A 269 12.69 -15.80 9.37
C ARG A 269 12.04 -15.60 8.01
N PHE A 270 11.21 -14.56 7.89
CA PHE A 270 10.55 -14.23 6.63
C PHE A 270 9.95 -12.84 6.66
N LEU A 271 9.80 -12.24 5.49
CA LEU A 271 9.27 -10.88 5.39
C LEU A 271 7.88 -10.87 4.77
N VAL A 272 7.01 -10.03 5.31
CA VAL A 272 5.63 -9.98 4.86
C VAL A 272 5.25 -8.61 4.31
N LEU A 273 4.84 -8.57 3.05
CA LEU A 273 4.37 -7.30 2.47
C LEU A 273 2.87 -7.28 2.38
N MET A 274 2.30 -6.17 2.83
CA MET A 274 0.85 -6.01 2.87
C MET A 274 0.42 -4.84 2.04
N SER A 275 -0.55 -5.08 1.16
CA SER A 275 -1.18 -4.03 0.38
C SER A 275 -2.23 -3.28 1.20
N SER A 276 -2.63 -2.12 0.69
CA SER A 276 -3.66 -1.27 1.28
C SER A 276 -4.96 -2.01 1.60
N GLY A 277 -5.51 -2.69 0.59
CA GLY A 277 -6.73 -3.46 0.78
C GLY A 277 -6.63 -4.39 1.97
N LEU A 278 -5.45 -5.02 2.10
CA LEU A 278 -5.21 -5.98 3.16
C LEU A 278 -5.18 -5.31 4.51
N CYS A 279 -4.51 -4.16 4.59
CA CYS A 279 -4.46 -3.43 5.83
C CYS A 279 -5.86 -2.99 6.24
N ARG A 280 -6.60 -2.40 5.29
CA ARG A 280 -7.96 -1.97 5.54
C ARG A 280 -8.75 -3.11 6.16
N ALA A 281 -8.78 -4.25 5.48
CA ALA A 281 -9.54 -5.42 5.92
C ALA A 281 -9.21 -5.85 7.33
N LEU A 282 -7.91 -6.04 7.60
CA LEU A 282 -7.42 -6.37 8.93
C LEU A 282 -7.94 -5.43 10.04
N HIS A 283 -7.90 -4.13 9.80
CA HIS A 283 -8.29 -3.14 10.79
C HIS A 283 -9.79 -3.13 11.03
N GLU A 284 -10.55 -3.47 10.00
CA GLU A 284 -11.99 -3.54 10.09
C GLU A 284 -12.45 -4.78 10.86
N ILE A 285 -11.63 -5.82 10.87
CA ILE A 285 -11.96 -7.05 11.59
C ILE A 285 -11.12 -7.24 12.86
N PHE A 286 -10.20 -6.33 13.12
CA PHE A 286 -9.19 -6.52 14.15
C PHE A 286 -8.69 -5.18 14.68
N PRO A 287 -9.15 -4.80 15.86
CA PRO A 287 -10.31 -3.92 15.98
C PRO A 287 -9.60 -2.58 15.80
N GLY A 288 -8.40 -2.46 16.38
CA GLY A 288 -7.99 -1.25 17.04
C GLY A 288 -6.50 -1.50 17.17
N ASP A 289 -5.71 -0.43 17.02
CA ASP A 289 -4.32 -0.46 17.42
C ASP A 289 -3.37 -0.98 16.35
N ALA A 290 -3.91 -1.17 15.15
CA ALA A 290 -3.09 -1.20 13.94
C ALA A 290 -1.80 -1.99 14.09
N SER A 291 -1.75 -2.84 15.12
CA SER A 291 -0.63 -3.77 15.30
C SER A 291 -1.05 -5.10 15.92
N THR A 292 -2.22 -5.11 16.56
CA THR A 292 -2.95 -6.36 16.81
C THR A 292 -3.30 -7.09 15.50
N GLY A 293 -3.63 -6.31 14.47
CA GLY A 293 -3.86 -6.87 13.13
C GLY A 293 -2.67 -7.65 12.64
N ASN A 294 -1.48 -7.07 12.76
CA ASN A 294 -0.22 -7.73 12.40
C ASN A 294 -0.09 -9.08 13.08
N ARG A 295 -0.05 -9.07 14.41
CA ARG A 295 0.10 -10.29 15.19
C ARG A 295 -0.88 -11.37 14.73
N GLU A 296 -2.11 -10.98 14.43
CA GLU A 296 -3.13 -11.94 14.01
C GLU A 296 -2.94 -12.40 12.57
N LEU A 297 -2.26 -11.60 11.76
CA LEU A 297 -1.86 -12.01 10.43
C LEU A 297 -0.71 -13.02 10.50
N VAL A 298 0.24 -12.75 11.38
CA VAL A 298 1.41 -13.63 11.56
C VAL A 298 1.22 -14.83 12.50
N ARG A 299 0.13 -14.84 13.27
CA ARG A 299 -0.30 -16.08 13.90
C ARG A 299 -0.71 -16.82 12.66
N MET A 300 -1.71 -16.24 12.00
CA MET A 300 -2.45 -16.88 10.92
C MET A 300 -1.55 -17.57 9.90
N ILE A 301 -0.44 -16.92 9.53
CA ILE A 301 0.50 -17.53 8.60
C ILE A 301 1.36 -18.58 9.27
N SER A 302 1.79 -18.33 10.50
CA SER A 302 2.66 -19.28 11.22
C SER A 302 1.93 -20.58 11.52
N GLU A 303 0.60 -20.52 11.55
CA GLU A 303 -0.23 -21.72 11.65
C GLU A 303 -0.32 -22.40 10.29
N GLU A 304 -0.14 -21.62 9.23
CA GLU A 304 -0.26 -22.13 7.87
C GLU A 304 0.98 -22.88 7.35
N PHE A 305 2.18 -22.52 7.81
CA PHE A 305 3.40 -23.25 7.41
C PHE A 305 3.75 -24.49 8.27
N GLN A 306 2.80 -24.88 9.14
CA GLN A 306 2.78 -26.21 9.75
C GLN A 306 1.81 -27.07 8.93
N ASN A 307 0.93 -26.39 8.20
CA ASN A 307 -0.20 -27.02 7.53
C ASN A 307 -0.07 -27.12 6.01
N GLN A 308 0.69 -26.22 5.41
CA GLN A 308 0.96 -26.24 3.96
C GLN A 308 2.44 -26.37 3.64
N SER A 309 2.76 -26.50 2.35
CA SER A 309 4.16 -26.66 1.92
C SER A 309 4.58 -25.74 0.77
N THR A 310 3.65 -25.49 -0.15
CA THR A 310 3.87 -24.53 -1.24
C THR A 310 3.73 -23.09 -0.73
N LEU A 311 4.73 -22.27 -1.04
CA LEU A 311 4.81 -20.91 -0.50
C LEU A 311 3.66 -19.99 -0.95
N GLY A 312 3.30 -20.08 -2.23
CA GLY A 312 2.16 -19.34 -2.77
C GLY A 312 0.82 -19.88 -2.28
N GLY A 313 0.84 -21.14 -1.83
CA GLY A 313 -0.32 -21.78 -1.22
C GLY A 313 -0.59 -21.26 0.19
N VAL A 314 0.47 -21.16 1.00
CA VAL A 314 0.41 -20.53 2.33
C VAL A 314 -0.14 -19.11 2.23
N ALA A 315 0.39 -18.35 1.27
CA ALA A 315 -0.05 -16.99 1.05
C ALA A 315 -1.52 -16.92 0.61
N GLN A 316 -1.93 -17.82 -0.28
CA GLN A 316 -3.32 -17.82 -0.76
C GLN A 316 -4.35 -18.35 0.24
N SER A 317 -3.90 -19.14 1.20
CA SER A 317 -4.79 -19.69 2.21
C SER A 317 -5.07 -18.63 3.27
N VAL A 318 -4.02 -17.89 3.64
CA VAL A 318 -4.13 -16.84 4.64
C VAL A 318 -5.02 -15.71 4.15
N VAL A 319 -4.76 -15.25 2.94
CA VAL A 319 -5.61 -14.25 2.30
C VAL A 319 -7.05 -14.74 2.29
N HIS A 320 -7.25 -15.97 1.83
CA HIS A 320 -8.59 -16.50 1.69
C HIS A 320 -9.35 -16.56 3.03
N ARG A 321 -8.63 -16.80 4.12
CA ARG A 321 -9.23 -16.75 5.46
C ARG A 321 -9.78 -15.36 5.72
N ILE A 322 -8.88 -14.37 5.68
CA ILE A 322 -9.19 -12.99 6.04
C ILE A 322 -10.39 -12.44 5.29
N VAL A 323 -10.39 -12.58 3.97
CA VAL A 323 -11.43 -11.97 3.13
C VAL A 323 -12.84 -12.43 3.51
N GLN A 324 -12.95 -13.69 3.96
CA GLN A 324 -14.21 -14.21 4.45
C GLN A 324 -14.37 -13.97 5.95
N ALA A 325 -13.26 -13.85 6.68
CA ALA A 325 -13.31 -13.36 8.05
C ALA A 325 -13.85 -11.94 8.00
N HIS A 326 -13.54 -11.24 6.91
CA HIS A 326 -14.00 -9.88 6.68
C HIS A 326 -15.47 -9.83 6.34
N HIS A 327 -15.90 -10.69 5.41
CA HIS A 327 -17.29 -10.68 4.97
C HIS A 327 -18.21 -11.31 6.02
N ASP A 328 -17.64 -12.13 6.90
CA ASP A 328 -18.41 -12.65 8.05
C ASP A 328 -18.64 -11.54 9.06
N THR A 329 -17.61 -10.73 9.30
CA THR A 329 -17.71 -9.59 10.19
C THR A 329 -18.76 -8.61 9.66
N TYR A 330 -18.77 -8.41 8.35
CA TYR A 330 -19.83 -7.62 7.70
C TYR A 330 -21.20 -8.28 7.86
N MET A 331 -21.27 -9.57 7.56
CA MET A 331 -22.55 -10.28 7.62
C MET A 331 -23.03 -10.50 9.06
N GLN A 332 -22.10 -10.53 10.01
CA GLN A 332 -22.45 -10.69 11.43
C GLN A 332 -22.68 -9.33 12.05
N LEU A 333 -22.57 -8.30 11.23
CA LEU A 333 -22.97 -6.95 11.60
C LEU A 333 -24.37 -6.65 11.03
N VAL A 334 -24.66 -7.19 9.84
CA VAL A 334 -26.00 -7.07 9.26
C VAL A 334 -26.96 -8.07 9.93
N GLU A 335 -26.40 -9.06 10.61
CA GLU A 335 -27.20 -10.03 11.38
C GLU A 335 -27.74 -9.39 12.68
N GLU A 336 -26.90 -8.60 13.35
CA GLU A 336 -27.23 -8.01 14.64
C GLU A 336 -27.76 -6.61 14.29
N HIS A 337 -27.80 -5.74 15.31
CA HIS A 337 -28.06 -4.32 15.13
C HIS A 337 -27.21 -3.71 14.03
N ARG A 338 -27.85 -3.43 12.90
CA ARG A 338 -27.17 -3.13 11.64
C ARG A 338 -26.36 -1.80 11.63
N SER A 339 -25.23 -1.82 12.31
CA SER A 339 -24.31 -0.68 12.36
C SER A 339 -23.70 -0.41 10.99
N VAL A 340 -22.91 -1.38 10.51
CA VAL A 340 -22.39 -1.42 9.14
C VAL A 340 -21.40 -0.28 8.82
N THR A 341 -20.20 -0.39 9.38
CA THR A 341 -19.14 0.58 9.10
C THR A 341 -18.63 0.41 7.65
N PHE A 342 -17.97 -0.72 7.38
CA PHE A 342 -17.50 -1.05 6.04
C PHE A 342 -18.58 -1.78 5.25
N ASN A 343 -18.39 -1.89 3.95
CA ASN A 343 -19.33 -2.56 3.07
C ASN A 343 -18.65 -3.01 1.78
N SER A 344 -17.32 -2.95 1.77
CA SER A 344 -16.55 -3.30 0.59
C SER A 344 -15.19 -3.86 0.95
N ARG A 345 -14.47 -4.23 -0.10
CA ARG A 345 -13.14 -4.80 0.00
C ARG A 345 -12.33 -4.21 -1.14
N ASP A 346 -11.10 -3.80 -0.82
CA ASP A 346 -10.17 -3.38 -1.86
C ASP A 346 -9.36 -4.61 -2.23
N ASP A 347 -8.52 -4.49 -3.25
CA ASP A 347 -7.70 -5.63 -3.64
C ASP A 347 -6.80 -6.02 -2.49
N VAL A 348 -6.95 -7.25 -2.02
CA VAL A 348 -6.12 -7.78 -0.96
C VAL A 348 -4.90 -8.43 -1.61
N THR A 349 -3.71 -8.09 -1.12
CA THR A 349 -2.51 -8.73 -1.61
C THR A 349 -1.55 -9.02 -0.49
N LEU A 350 -1.02 -10.25 -0.50
CA LEU A 350 -0.07 -10.71 0.48
C LEU A 350 1.19 -11.27 -0.19
N LEU A 351 2.36 -10.77 0.23
CA LEU A 351 3.64 -11.28 -0.24
C LEU A 351 4.47 -11.78 0.91
N ILE A 352 4.81 -13.07 0.89
CA ILE A 352 5.74 -13.61 1.88
C ILE A 352 7.06 -14.04 1.26
N ARG A 353 8.09 -13.24 1.49
CA ARG A 353 9.46 -13.60 1.14
C ARG A 353 10.02 -14.40 2.30
N ASN A 354 10.44 -15.63 2.02
CA ASN A 354 10.89 -16.57 3.04
C ASN A 354 12.40 -16.75 3.10
N PHE A 355 12.96 -16.52 4.29
CA PHE A 355 14.37 -16.85 4.52
C PHE A 355 14.49 -18.23 5.15
N ASN A 356 13.57 -18.54 6.08
CA ASN A 356 13.59 -19.81 6.82
C ASN A 356 12.21 -20.47 6.94
N TYR A 357 12.07 -21.62 6.27
CA TYR A 357 10.80 -22.35 6.14
C TYR A 357 10.35 -23.03 7.44
#